data_6H7E
#
_entry.id   6H7E
#
_cell.length_a   41.698
_cell.length_b   105.617
_cell.length_c   160.556
_cell.angle_alpha   90.00
_cell.angle_beta   90.04
_cell.angle_gamma   90.00
#
_symmetry.space_group_name_H-M   'I 1 2 1'
#
loop_
_entity.id
_entity.type
_entity.pdbx_description
1 polymer 'cDNA FLJ56134, highly similar to Rap guanine nucleotide exchange factor 3'
2 non-polymer "ADENOSINE-3',5'-CYCLIC-MONOPHOSPHATE"
3 non-polymer 'SULFATE ION'
4 water water
#
_entity_poly.entity_id   1
_entity_poly.type   'polypeptide(L)'
_entity_poly.pdbx_seq_one_letter_code
;GASTERVLRAGRQLHRHLLATCPNLIRDRKYHLRLYRQCCSGRELVDGILALGLGVHSRSQVVGICQVLLDEGALCHVKH
DWAFQDRDAQFYRFPGPEPEPVGTHEMEEELAEAVALLSQRGPDALLTVALRKPPGQRTDEELDLIFEELLHIKAVAHLS
NSVKRELAAVLLFEPHSKAGTVLFSQGDKGTSWYIIWKGSVNVVTHGKGLVTTLHEGDDFGQLALVNDAPRAATIILRED
NCHFLRVDKQDFNRIIKDVEAKTMRLEEHG
;
_entity_poly.pdbx_strand_id   A,B
#
# COMPACT_ATOMS: atom_id res chain seq x y z
N ALA A 2 15.13 3.49 -2.20
CA ALA A 2 14.66 3.04 -3.50
C ALA A 2 15.81 2.98 -4.50
N SER A 3 16.16 1.76 -4.92
CA SER A 3 17.01 1.54 -6.08
C SER A 3 16.19 1.36 -7.36
N THR A 4 15.03 2.02 -7.45
CA THR A 4 14.06 1.74 -8.49
C THR A 4 14.62 2.02 -9.89
N GLU A 5 15.48 3.03 -10.02
CA GLU A 5 15.94 3.40 -11.36
C GLU A 5 16.76 2.28 -11.99
N ARG A 6 17.60 1.61 -11.21
CA ARG A 6 18.46 0.57 -11.77
C ARG A 6 17.69 -0.70 -12.08
N VAL A 7 16.75 -1.09 -11.21
CA VAL A 7 15.88 -2.21 -11.52
C VAL A 7 15.18 -1.98 -12.85
N LEU A 8 14.65 -0.77 -13.04
CA LEU A 8 13.92 -0.46 -14.27
C LEU A 8 14.80 -0.67 -15.50
N ARG A 9 16.00 -0.08 -15.50
CA ARG A 9 16.88 -0.25 -16.65
C ARG A 9 17.35 -1.70 -16.75
N ALA A 10 17.54 -2.38 -15.63
CA ALA A 10 17.82 -3.81 -15.67
C ALA A 10 16.67 -4.57 -16.32
N GLY A 11 15.45 -4.36 -15.80
CA GLY A 11 14.28 -4.90 -16.47
C GLY A 11 14.21 -4.53 -17.94
N ARG A 12 14.42 -3.25 -18.24
CA ARG A 12 14.42 -2.81 -19.64
C ARG A 12 15.46 -3.58 -20.44
N GLN A 13 16.61 -3.87 -19.84
CA GLN A 13 17.65 -4.61 -20.54
C GLN A 13 17.26 -6.06 -20.74
N LEU A 14 16.67 -6.69 -19.72
CA LEU A 14 16.21 -8.07 -19.84
C LEU A 14 15.08 -8.20 -20.86
N HIS A 15 14.07 -7.35 -20.75
CA HIS A 15 12.95 -7.26 -21.68
C HIS A 15 13.44 -7.29 -23.12
N ARG A 16 14.59 -6.67 -23.40
CA ARG A 16 15.07 -6.62 -24.79
C ARG A 16 15.59 -7.97 -25.25
N HIS A 17 16.28 -8.71 -24.37
CA HIS A 17 16.81 -10.02 -24.75
C HIS A 17 15.76 -11.11 -24.77
N LEU A 18 14.64 -10.94 -24.05
CA LEU A 18 13.55 -11.91 -24.15
C LEU A 18 12.87 -11.81 -25.50
N LEU A 19 12.51 -10.59 -25.93
CA LEU A 19 11.87 -10.43 -27.22
C LEU A 19 12.73 -11.02 -28.33
N ALA A 20 14.05 -10.88 -28.22
CA ALA A 20 14.95 -11.42 -29.23
C ALA A 20 15.06 -12.93 -29.13
N THR A 21 15.21 -13.46 -27.92
CA THR A 21 15.41 -14.90 -27.75
C THR A 21 14.11 -15.69 -27.76
N CYS A 22 13.01 -15.10 -27.28
CA CYS A 22 11.69 -15.74 -27.25
C CYS A 22 10.73 -14.83 -28.00
N PRO A 23 10.78 -14.83 -29.33
CA PRO A 23 10.00 -13.83 -30.10
C PRO A 23 8.50 -13.95 -29.91
N ASN A 24 7.98 -15.09 -29.48
CA ASN A 24 6.55 -15.25 -29.25
C ASN A 24 6.24 -15.47 -27.77
N LEU A 25 7.05 -14.89 -26.89
CA LEU A 25 6.74 -14.92 -25.47
C LEU A 25 5.61 -13.95 -25.13
N ILE A 26 5.68 -12.73 -25.65
CA ILE A 26 4.67 -11.70 -25.44
C ILE A 26 3.76 -11.72 -26.67
N ARG A 27 2.56 -12.28 -26.51
CA ARG A 27 1.61 -12.41 -27.59
C ARG A 27 0.20 -12.25 -27.02
N ASP A 28 -0.79 -12.32 -27.90
CA ASP A 28 -2.19 -12.35 -27.47
C ASP A 28 -2.54 -13.75 -26.95
N ARG A 29 -3.35 -13.79 -25.89
CA ARG A 29 -3.67 -15.06 -25.26
C ARG A 29 -5.16 -15.12 -24.93
N LYS A 30 -5.73 -16.31 -25.05
CA LYS A 30 -7.12 -16.58 -24.71
C LYS A 30 -7.14 -17.54 -23.52
N TYR A 31 -7.71 -17.09 -22.42
CA TYR A 31 -7.81 -17.91 -21.21
C TYR A 31 -9.23 -17.84 -20.68
N HIS A 32 -9.88 -19.00 -20.57
CA HIS A 32 -11.26 -19.07 -20.10
C HIS A 32 -12.15 -18.13 -20.91
N LEU A 33 -11.93 -18.10 -22.23
CA LEU A 33 -12.69 -17.26 -23.15
C LEU A 33 -12.46 -15.77 -22.90
N ARG A 34 -11.43 -15.42 -22.15
CA ARG A 34 -10.99 -14.05 -22.00
C ARG A 34 -9.76 -13.81 -22.87
N LEU A 35 -9.65 -12.60 -23.42
CA LEU A 35 -8.58 -12.25 -24.33
C LEU A 35 -7.67 -11.20 -23.70
N TYR A 36 -6.39 -11.52 -23.58
CA TYR A 36 -5.39 -10.63 -23.01
C TYR A 36 -4.38 -10.27 -24.10
N ARG A 37 -4.19 -8.97 -24.33
CA ARG A 37 -3.34 -8.49 -25.41
C ARG A 37 -1.89 -8.45 -24.99
N GLN A 38 -1.02 -8.91 -25.88
CA GLN A 38 0.43 -8.70 -25.77
C GLN A 38 0.95 -8.98 -24.35
N CYS A 39 0.68 -10.17 -23.84
CA CYS A 39 1.10 -10.54 -22.50
C CYS A 39 1.76 -11.92 -22.53
N CYS A 40 2.26 -12.34 -21.36
CA CYS A 40 2.87 -13.64 -21.17
C CYS A 40 2.39 -14.21 -19.84
N SER A 41 2.44 -15.52 -19.71
CA SER A 41 2.17 -16.13 -18.43
C SER A 41 3.40 -16.02 -17.53
N GLY A 42 3.17 -15.99 -16.22
CA GLY A 42 4.28 -16.00 -15.29
C GLY A 42 5.17 -17.22 -15.48
N ARG A 43 4.54 -18.38 -15.67
CA ARG A 43 5.30 -19.62 -15.83
C ARG A 43 6.16 -19.59 -17.08
N GLU A 44 5.64 -19.03 -18.18
CA GLU A 44 6.45 -18.95 -19.39
C GLU A 44 7.48 -17.83 -19.31
N LEU A 45 7.19 -16.76 -18.57
CA LEU A 45 8.20 -15.72 -18.38
C LEU A 45 9.41 -16.29 -17.65
N VAL A 46 9.18 -16.99 -16.54
CA VAL A 46 10.26 -17.68 -15.84
C VAL A 46 11.01 -18.61 -16.80
N ASP A 47 10.27 -19.48 -17.48
CA ASP A 47 10.89 -20.40 -18.44
C ASP A 47 11.84 -19.65 -19.38
N GLY A 48 11.37 -18.54 -19.95
CA GLY A 48 12.20 -17.79 -20.88
C GLY A 48 13.46 -17.22 -20.24
N ILE A 49 13.34 -16.72 -19.01
CA ILE A 49 14.51 -16.18 -18.32
C ILE A 49 15.53 -17.29 -18.07
N LEU A 50 15.05 -18.50 -17.71
CA LEU A 50 15.96 -19.63 -17.58
C LEU A 50 16.65 -19.94 -18.91
N ALA A 51 15.91 -19.85 -20.02
CA ALA A 51 16.49 -20.19 -21.31
C ALA A 51 17.66 -19.29 -21.68
N LEU A 52 17.77 -18.11 -21.06
CA LEU A 52 18.89 -17.23 -21.38
C LEU A 52 20.21 -17.82 -20.88
N GLY A 53 20.20 -18.44 -19.70
CA GLY A 53 21.39 -19.09 -19.19
C GLY A 53 22.09 -18.33 -18.07
N HIS A 57 20.77 -19.92 -12.32
CA HIS A 57 21.03 -21.33 -12.01
C HIS A 57 19.80 -22.08 -11.50
N SER A 58 18.87 -21.39 -10.84
CA SER A 58 17.73 -22.06 -10.25
C SER A 58 16.43 -21.37 -10.65
N ARG A 59 15.33 -22.10 -10.50
CA ARG A 59 14.03 -21.50 -10.75
C ARG A 59 13.66 -20.51 -9.65
N SER A 60 13.91 -20.87 -8.39
CA SER A 60 13.60 -19.96 -7.28
C SER A 60 14.32 -18.63 -7.48
N GLN A 61 15.57 -18.66 -7.94
CA GLN A 61 16.25 -17.43 -8.28
C GLN A 61 15.43 -16.62 -9.28
N VAL A 62 15.03 -17.26 -10.39
CA VAL A 62 14.32 -16.53 -11.43
C VAL A 62 12.98 -16.03 -10.93
N VAL A 63 12.30 -16.83 -10.10
CA VAL A 63 11.08 -16.35 -9.46
C VAL A 63 11.38 -15.12 -8.63
N GLY A 64 12.53 -15.10 -7.95
CA GLY A 64 12.88 -13.91 -7.19
C GLY A 64 13.10 -12.72 -8.10
N ILE A 65 13.75 -12.94 -9.25
CA ILE A 65 13.97 -11.87 -10.21
C ILE A 65 12.63 -11.29 -10.66
N CYS A 66 11.66 -12.17 -10.93
CA CYS A 66 10.37 -11.70 -11.39
C CYS A 66 9.64 -10.92 -10.30
N GLN A 67 9.68 -11.42 -9.07
CA GLN A 67 9.09 -10.66 -7.96
C GLN A 67 9.69 -9.27 -7.89
N VAL A 68 11.01 -9.16 -8.06
CA VAL A 68 11.68 -7.87 -7.95
C VAL A 68 11.21 -6.93 -9.06
N LEU A 69 10.99 -7.48 -10.26
CA LEU A 69 10.50 -6.64 -11.36
C LEU A 69 9.08 -6.18 -11.09
N LEU A 70 8.23 -7.07 -10.59
CA LEU A 70 6.87 -6.67 -10.27
C LEU A 70 6.87 -5.57 -9.23
N ASP A 71 7.70 -5.71 -8.21
CA ASP A 71 7.73 -4.74 -7.11
C ASP A 71 8.08 -3.35 -7.62
N GLU A 72 9.14 -3.23 -8.43
CA GLU A 72 9.61 -1.94 -8.92
C GLU A 72 8.83 -1.45 -10.12
N GLY A 73 7.66 -2.02 -10.41
CA GLY A 73 6.90 -1.62 -11.58
C GLY A 73 7.48 -2.02 -12.91
N ALA A 74 8.66 -2.65 -12.96
CA ALA A 74 9.23 -3.08 -14.22
C ALA A 74 8.46 -4.24 -14.84
N LEU A 75 7.50 -4.79 -14.12
CA LEU A 75 6.63 -5.83 -14.61
C LEU A 75 5.30 -5.61 -13.93
N CYS A 76 4.20 -5.76 -14.66
CA CYS A 76 2.89 -5.48 -14.10
C CYS A 76 1.95 -6.64 -14.38
N HIS A 77 1.27 -7.08 -13.34
CA HIS A 77 0.28 -8.14 -13.44
C HIS A 77 -0.99 -7.61 -14.09
N VAL A 78 -1.63 -8.48 -14.88
CA VAL A 78 -2.87 -8.10 -15.55
C VAL A 78 -3.97 -7.81 -14.54
N LYS A 79 -4.01 -8.57 -13.44
CA LYS A 79 -5.02 -8.43 -12.40
C LYS A 79 -4.49 -7.73 -11.16
N HIS A 80 -3.44 -6.91 -11.32
CA HIS A 80 -2.98 -5.99 -10.29
C HIS A 80 -2.61 -6.69 -8.97
N ASP A 81 -2.19 -7.95 -9.03
CA ASP A 81 -1.73 -8.64 -7.83
C ASP A 81 -0.25 -8.31 -7.58
N TRP A 82 0.13 -8.29 -6.29
CA TRP A 82 1.47 -7.88 -5.90
C TRP A 82 2.44 -9.04 -5.70
N ALA A 83 1.95 -10.26 -5.47
CA ALA A 83 2.80 -11.44 -5.39
C ALA A 83 2.94 -12.05 -6.79
N PHE A 84 4.16 -12.23 -7.25
CA PHE A 84 4.38 -12.83 -8.56
C PHE A 84 4.01 -14.31 -8.54
N GLN A 85 3.33 -14.75 -9.60
CA GLN A 85 2.82 -16.11 -9.73
C GLN A 85 3.58 -16.84 -10.83
N ASP A 86 4.28 -17.91 -10.46
CA ASP A 86 4.90 -18.81 -11.45
C ASP A 86 3.86 -19.81 -11.96
N ARG A 87 2.89 -19.28 -12.71
CA ARG A 87 1.70 -20.04 -13.07
C ARG A 87 1.29 -19.74 -14.50
N ASP A 88 0.65 -20.72 -15.13
CA ASP A 88 0.15 -20.54 -16.50
C ASP A 88 -1.00 -19.55 -16.56
N ALA A 89 -1.89 -19.58 -15.56
CA ALA A 89 -3.11 -18.78 -15.61
C ALA A 89 -2.89 -17.32 -15.20
N GLN A 90 -1.67 -16.91 -14.93
CA GLN A 90 -1.39 -15.55 -14.47
C GLN A 90 -0.56 -14.84 -15.52
N PHE A 91 -1.03 -13.66 -15.94
CA PHE A 91 -0.47 -13.00 -17.10
C PHE A 91 0.18 -11.69 -16.69
N TYR A 92 1.27 -11.35 -17.37
CA TYR A 92 2.06 -10.19 -17.03
C TYR A 92 2.42 -9.47 -18.31
N ARG A 93 2.65 -8.17 -18.17
CA ARG A 93 3.13 -7.33 -19.25
C ARG A 93 4.35 -6.57 -18.77
N PHE A 94 5.26 -6.35 -19.69
CA PHE A 94 6.23 -5.30 -19.49
C PHE A 94 5.54 -3.97 -19.73
N PRO A 95 6.02 -2.92 -19.11
CA PRO A 95 5.40 -1.61 -19.33
C PRO A 95 6.41 -0.66 -19.93
N GLY A 96 6.15 0.63 -19.79
CA GLY A 96 6.96 1.63 -20.44
C GLY A 96 6.86 1.47 -21.93
N PRO A 97 7.51 2.35 -22.68
CA PRO A 97 7.45 2.28 -24.13
C PRO A 97 8.40 1.20 -24.66
N GLU A 98 8.07 0.72 -25.85
CA GLU A 98 8.88 -0.30 -26.50
C GLU A 98 10.35 0.10 -26.49
N PRO A 99 11.25 -0.76 -26.03
CA PRO A 99 12.67 -0.44 -26.12
C PRO A 99 13.24 -0.81 -27.48
N GLU A 100 14.42 -0.25 -27.76
CA GLU A 100 15.16 -0.57 -28.97
C GLU A 100 15.35 -2.07 -29.05
N PRO A 101 15.35 -2.67 -30.24
CA PRO A 101 15.57 -4.11 -30.35
C PRO A 101 17.04 -4.48 -30.18
N VAL A 102 17.27 -5.72 -29.78
CA VAL A 102 18.62 -6.25 -29.63
C VAL A 102 18.96 -7.15 -30.80
N GLU A 109 27.49 -8.53 -21.54
CA GLU A 109 27.89 -8.01 -20.24
C GLU A 109 26.81 -7.16 -19.60
N GLU A 110 26.05 -6.40 -20.40
CA GLU A 110 24.95 -5.61 -19.86
C GLU A 110 23.82 -6.49 -19.39
N LEU A 111 23.51 -7.56 -20.16
CA LEU A 111 22.52 -8.52 -19.71
C LEU A 111 23.00 -9.26 -18.47
N ALA A 112 24.29 -9.61 -18.43
CA ALA A 112 24.85 -10.28 -17.27
C ALA A 112 24.65 -9.46 -16.00
N GLU A 113 25.13 -8.22 -16.01
CA GLU A 113 25.01 -7.37 -14.82
C GLU A 113 23.56 -7.02 -14.52
N ALA A 114 22.68 -7.06 -15.51
CA ALA A 114 21.27 -6.83 -15.23
C ALA A 114 20.65 -8.01 -14.49
N VAL A 115 21.06 -9.23 -14.86
CA VAL A 115 20.62 -10.42 -14.16
C VAL A 115 21.17 -10.45 -12.74
N ALA A 116 22.44 -10.09 -12.56
CA ALA A 116 23.02 -10.07 -11.23
C ALA A 116 22.31 -9.07 -10.32
N LEU A 117 22.18 -7.83 -10.78
CA LEU A 117 21.49 -6.82 -9.97
C LEU A 117 20.11 -7.32 -9.53
N LEU A 118 19.39 -7.98 -10.43
CA LEU A 118 18.06 -8.48 -10.08
C LEU A 118 18.16 -9.67 -9.14
N SER A 119 19.10 -10.59 -9.40
CA SER A 119 19.24 -11.78 -8.56
C SER A 119 19.65 -11.42 -7.14
N GLN A 120 20.42 -10.35 -6.97
CA GLN A 120 20.83 -9.94 -5.63
C GLN A 120 19.65 -9.60 -4.75
N ARG A 121 18.59 -9.03 -5.33
CA ARG A 121 17.44 -8.59 -4.55
C ARG A 121 16.36 -9.63 -4.43
N GLY A 122 16.50 -10.77 -5.12
CA GLY A 122 15.45 -11.76 -5.24
C GLY A 122 15.02 -12.39 -3.92
N PRO A 123 15.98 -12.94 -3.18
CA PRO A 123 15.61 -13.55 -1.89
C PRO A 123 14.83 -12.61 -0.99
N ASP A 124 15.28 -11.36 -0.83
CA ASP A 124 14.53 -10.41 0.00
C ASP A 124 13.14 -10.17 -0.58
N ALA A 125 13.03 -10.05 -1.91
CA ALA A 125 11.71 -9.83 -2.51
C ALA A 125 10.77 -10.97 -2.15
N LEU A 126 11.24 -12.22 -2.26
CA LEU A 126 10.39 -13.36 -1.93
C LEU A 126 10.14 -13.46 -0.43
N LEU A 127 11.12 -13.12 0.41
CA LEU A 127 10.87 -13.10 1.86
C LEU A 127 9.79 -12.09 2.20
N THR A 128 9.82 -10.92 1.56
CA THR A 128 8.82 -9.90 1.84
C THR A 128 7.42 -10.41 1.53
N VAL A 129 7.25 -11.14 0.42
CA VAL A 129 5.95 -11.70 0.08
C VAL A 129 5.48 -12.65 1.18
N ALA A 130 6.36 -13.54 1.63
CA ALA A 130 6.00 -14.42 2.73
C ALA A 130 5.60 -13.63 3.97
N LEU A 131 6.37 -12.59 4.31
CA LEU A 131 6.08 -11.79 5.49
C LEU A 131 4.78 -11.02 5.34
N ARG A 132 4.54 -10.41 4.18
CA ARG A 132 3.30 -9.65 3.97
C ARG A 132 2.07 -10.53 4.09
N LYS A 133 2.24 -11.85 4.02
CA LYS A 133 1.12 -12.75 4.22
C LYS A 133 0.75 -12.76 5.70
N PRO A 134 -0.48 -12.42 6.08
CA PRO A 134 -0.83 -12.36 7.49
C PRO A 134 -0.62 -13.71 8.15
N PRO A 135 -0.24 -13.73 9.42
CA PRO A 135 -0.15 -14.99 10.15
C PRO A 135 -1.43 -15.80 9.98
N GLY A 136 -1.27 -17.13 9.96
CA GLY A 136 -2.39 -18.03 9.71
C GLY A 136 -2.72 -18.23 8.25
N GLN A 137 -2.16 -17.43 7.35
CA GLN A 137 -2.38 -17.52 5.90
C GLN A 137 -1.07 -17.74 5.16
N ARG A 138 -0.18 -18.50 5.78
CA ARG A 138 1.16 -18.73 5.23
C ARG A 138 1.31 -20.18 4.82
N THR A 139 1.72 -20.40 3.58
CA THR A 139 2.02 -21.74 3.12
C THR A 139 3.25 -22.28 3.86
N ASP A 140 3.41 -23.59 3.83
CA ASP A 140 4.63 -24.18 4.39
C ASP A 140 5.87 -23.59 3.73
N GLU A 141 5.79 -23.25 2.44
CA GLU A 141 6.94 -22.67 1.75
C GLU A 141 7.25 -21.28 2.29
N GLU A 142 6.21 -20.47 2.54
CA GLU A 142 6.43 -19.14 3.11
C GLU A 142 7.03 -19.25 4.50
N LEU A 143 6.42 -20.07 5.36
CA LEU A 143 6.99 -20.34 6.67
C LEU A 143 8.42 -20.84 6.55
N ASP A 144 8.71 -21.63 5.51
CA ASP A 144 10.09 -22.06 5.29
C ASP A 144 11.01 -20.88 5.05
N LEU A 145 10.56 -19.89 4.26
CA LEU A 145 11.40 -18.72 4.01
C LEU A 145 11.59 -17.87 5.26
N ILE A 146 10.54 -17.70 6.07
CA ILE A 146 10.66 -16.88 7.26
C ILE A 146 11.56 -17.58 8.27
N PHE A 147 11.47 -18.91 8.36
CA PHE A 147 12.32 -19.67 9.26
C PHE A 147 13.79 -19.50 8.90
N GLU A 148 14.13 -19.70 7.64
CA GLU A 148 15.52 -19.56 7.23
C GLU A 148 16.04 -18.17 7.54
N GLU A 149 15.18 -17.16 7.47
CA GLU A 149 15.62 -15.80 7.79
C GLU A 149 15.94 -15.66 9.28
N LEU A 150 15.13 -16.26 10.13
CA LEU A 150 15.42 -16.20 11.56
C LEU A 150 16.75 -16.88 11.87
N LEU A 151 17.19 -17.80 11.01
CA LEU A 151 18.52 -18.39 11.23
C LEU A 151 19.64 -17.37 11.09
N HIS A 152 19.37 -16.20 10.53
CA HIS A 152 20.37 -15.18 10.28
C HIS A 152 20.19 -13.96 11.20
N ILE A 153 19.41 -14.09 12.26
CA ILE A 153 19.09 -12.97 13.14
C ILE A 153 19.75 -13.23 14.49
N LYS A 154 20.72 -12.39 14.84
CA LYS A 154 21.43 -12.55 16.11
C LYS A 154 20.46 -12.70 17.28
N ALA A 155 19.39 -11.90 17.30
CA ALA A 155 18.50 -11.82 18.45
C ALA A 155 17.83 -13.15 18.81
N VAL A 156 17.75 -14.10 17.87
CA VAL A 156 17.07 -15.35 18.13
C VAL A 156 18.00 -16.55 18.00
N ALA A 157 19.31 -16.31 17.83
CA ALA A 157 20.24 -17.40 17.59
C ALA A 157 20.27 -18.40 18.74
N HIS A 158 20.01 -17.96 19.97
CA HIS A 158 20.08 -18.84 21.12
C HIS A 158 18.81 -19.67 21.30
N LEU A 159 17.79 -19.46 20.48
CA LEU A 159 16.56 -20.23 20.57
C LEU A 159 16.62 -21.46 19.66
N SER A 160 15.79 -22.44 19.97
CA SER A 160 15.75 -23.68 19.21
C SER A 160 15.05 -23.50 17.86
N ASN A 161 15.28 -24.45 16.96
CA ASN A 161 14.63 -24.39 15.66
C ASN A 161 13.12 -24.53 15.80
N SER A 162 12.68 -25.43 16.68
CA SER A 162 11.26 -25.53 16.96
C SER A 162 10.68 -24.19 17.38
N VAL A 163 11.40 -23.46 18.23
CA VAL A 163 10.93 -22.15 18.69
C VAL A 163 10.90 -21.16 17.53
N LYS A 164 12.01 -21.07 16.78
CA LYS A 164 12.02 -20.19 15.62
C LYS A 164 10.85 -20.50 14.70
N ARG A 165 10.56 -21.79 14.49
CA ARG A 165 9.39 -22.17 13.69
C ARG A 165 8.11 -21.57 14.25
N GLU A 166 7.91 -21.69 15.56
CA GLU A 166 6.74 -21.09 16.18
C GLU A 166 6.68 -19.59 15.92
N LEU A 167 7.81 -18.90 16.05
CA LEU A 167 7.84 -17.46 15.80
C LEU A 167 7.47 -17.16 14.35
N ALA A 168 7.99 -17.95 13.42
CA ALA A 168 7.65 -17.74 12.00
C ALA A 168 6.14 -17.77 11.80
N ALA A 169 5.44 -18.63 12.55
CA ALA A 169 4.00 -18.74 12.38
C ALA A 169 3.24 -17.48 12.79
N VAL A 170 3.77 -16.71 13.74
CA VAL A 170 3.06 -15.55 14.28
C VAL A 170 3.74 -14.23 13.97
N LEU A 171 5.00 -14.26 13.54
CA LEU A 171 5.74 -13.05 13.22
C LEU A 171 4.91 -12.10 12.36
N LEU A 172 5.05 -10.80 12.59
CA LEU A 172 4.32 -9.77 11.87
C LEU A 172 5.29 -8.80 11.20
N PHE A 173 4.98 -8.45 9.95
CA PHE A 173 5.84 -7.58 9.15
C PHE A 173 5.45 -6.13 9.34
N GLU A 174 6.39 -5.29 9.74
CA GLU A 174 6.10 -3.90 10.07
C GLU A 174 7.12 -2.97 9.42
N PRO A 175 6.85 -2.52 8.21
CA PRO A 175 7.76 -1.57 7.56
C PRO A 175 7.48 -0.13 7.95
N HIS A 176 8.53 0.69 7.89
CA HIS A 176 8.43 2.13 8.09
C HIS A 176 9.29 2.82 7.04
N SER A 177 9.10 4.11 6.91
CA SER A 177 9.73 4.83 5.82
C SER A 177 10.60 6.00 6.24
N LYS A 178 10.23 6.73 7.30
CA LYS A 178 10.88 8.00 7.64
C LYS A 178 11.66 7.84 8.93
N ALA A 179 12.91 8.28 8.91
CA ALA A 179 13.66 8.41 10.15
C ALA A 179 12.98 9.43 11.08
N GLY A 180 13.39 9.42 12.35
CA GLY A 180 12.82 10.31 13.34
C GLY A 180 11.43 9.95 13.80
N THR A 181 10.81 8.92 13.23
CA THR A 181 9.51 8.48 13.69
C THR A 181 9.62 7.82 15.08
N VAL A 182 8.77 8.24 16.00
CA VAL A 182 8.76 7.65 17.34
C VAL A 182 7.93 6.36 17.26
N LEU A 183 8.58 5.22 17.48
CA LEU A 183 7.84 3.96 17.43
C LEU A 183 6.97 3.77 18.67
N PHE A 184 7.54 3.98 19.86
CA PHE A 184 6.74 4.08 21.07
C PHE A 184 7.53 4.89 22.08
N SER A 185 6.84 5.35 23.13
CA SER A 185 7.41 6.29 24.07
C SER A 185 7.68 5.64 25.43
N GLN A 186 8.70 6.15 26.12
CA GLN A 186 8.94 5.75 27.51
C GLN A 186 7.64 5.87 28.30
N GLY A 187 7.26 4.80 28.99
CA GLY A 187 6.08 4.81 29.81
C GLY A 187 4.83 4.22 29.18
N ASP A 188 4.83 4.00 27.86
CA ASP A 188 3.68 3.39 27.22
C ASP A 188 3.52 1.95 27.68
N LYS A 189 2.28 1.47 27.63
CA LYS A 189 2.02 0.05 27.81
C LYS A 189 2.74 -0.74 26.73
N GLY A 190 3.40 -1.81 27.17
CA GLY A 190 4.19 -2.63 26.29
C GLY A 190 3.35 -3.73 25.68
N THR A 191 3.24 -3.73 24.37
CA THR A 191 2.34 -4.64 23.68
C THR A 191 3.05 -5.65 22.77
N SER A 192 4.34 -5.48 22.52
CA SER A 192 4.94 -6.19 21.41
C SER A 192 6.46 -6.25 21.55
N TRP A 193 7.02 -7.34 21.05
CA TRP A 193 8.46 -7.55 20.93
C TRP A 193 8.89 -7.28 19.49
N TYR A 194 10.06 -6.64 19.31
CA TYR A 194 10.51 -6.18 18.00
C TYR A 194 11.89 -6.73 17.67
N ILE A 195 12.04 -7.20 16.43
CA ILE A 195 13.32 -7.59 15.84
C ILE A 195 13.59 -6.62 14.70
N ILE A 196 14.83 -6.14 14.61
CA ILE A 196 15.22 -5.23 13.54
C ILE A 196 15.67 -6.07 12.35
N TRP A 197 14.83 -6.16 11.32
CA TRP A 197 15.25 -6.78 10.08
C TRP A 197 16.14 -5.83 9.29
N LYS A 198 15.66 -4.62 9.02
CA LYS A 198 16.44 -3.58 8.35
C LYS A 198 16.42 -2.31 9.16
N GLY A 199 17.53 -1.59 9.14
CA GLY A 199 17.61 -0.27 9.74
C GLY A 199 18.27 -0.29 11.10
N SER A 200 18.00 0.77 11.86
CA SER A 200 18.47 0.89 13.22
C SER A 200 17.55 1.84 13.96
N VAL A 201 17.66 1.84 15.30
CA VAL A 201 16.82 2.71 16.12
C VAL A 201 17.66 3.30 17.24
N ASN A 202 17.24 4.47 17.71
CA ASN A 202 17.78 5.13 18.89
C ASN A 202 16.95 4.74 20.11
N VAL A 203 17.62 4.41 21.21
CA VAL A 203 16.99 4.17 22.50
C VAL A 203 17.23 5.40 23.37
N VAL A 204 16.17 6.09 23.73
CA VAL A 204 16.26 7.39 24.41
C VAL A 204 15.52 7.27 25.73
N THR A 205 16.16 7.70 26.82
CA THR A 205 15.47 7.84 28.09
C THR A 205 15.38 9.31 28.48
N HIS A 206 14.33 9.66 29.23
CA HIS A 206 14.22 11.04 29.66
C HIS A 206 15.46 11.46 30.47
N GLY A 207 16.05 10.53 31.23
CA GLY A 207 17.09 10.92 32.15
C GLY A 207 18.45 11.11 31.53
N LYS A 208 18.79 10.31 30.51
CA LYS A 208 20.12 10.35 29.94
C LYS A 208 20.16 10.73 28.46
N GLY A 209 19.00 10.79 27.80
CA GLY A 209 19.00 11.04 26.36
C GLY A 209 19.26 9.76 25.61
N LEU A 210 20.19 9.81 24.65
CA LEU A 210 20.48 8.67 23.78
C LEU A 210 21.31 7.65 24.55
N VAL A 211 20.68 6.56 24.97
CA VAL A 211 21.36 5.56 25.78
C VAL A 211 22.04 4.48 24.94
N THR A 212 21.54 4.18 23.75
CA THR A 212 22.20 3.20 22.88
C THR A 212 21.51 3.20 21.51
N THR A 213 22.14 2.51 20.57
CA THR A 213 21.70 2.38 19.20
C THR A 213 21.66 0.90 18.84
N LEU A 214 20.52 0.44 18.33
CA LEU A 214 20.34 -0.95 17.96
C LEU A 214 20.31 -1.06 16.45
N HIS A 215 20.92 -2.13 15.93
CA HIS A 215 21.08 -2.30 14.49
C HIS A 215 20.43 -3.60 14.04
N GLU A 216 20.48 -3.83 12.73
CA GLU A 216 19.89 -5.02 12.13
C GLU A 216 20.35 -6.27 12.87
N GLY A 217 19.39 -7.13 13.20
CA GLY A 217 19.66 -8.32 13.98
C GLY A 217 19.46 -8.16 15.48
N ASP A 218 19.38 -6.93 15.97
CA ASP A 218 19.05 -6.72 17.36
C ASP A 218 17.54 -6.76 17.56
N ASP A 219 17.13 -6.84 18.82
CA ASP A 219 15.73 -6.79 19.22
C ASP A 219 15.57 -5.83 20.38
N PHE A 220 14.32 -5.43 20.63
CA PHE A 220 14.03 -4.50 21.71
C PHE A 220 12.55 -4.64 22.08
N GLY A 221 12.21 -4.19 23.30
CA GLY A 221 10.84 -4.17 23.76
C GLY A 221 10.42 -5.37 24.58
N GLN A 222 11.36 -6.24 24.95
CA GLN A 222 11.03 -7.38 25.80
C GLN A 222 10.94 -7.02 27.28
N LEU A 223 11.60 -5.96 27.74
CA LEU A 223 11.55 -5.63 29.16
C LEU A 223 10.12 -5.41 29.62
N ALA A 224 9.32 -4.70 28.82
CA ALA A 224 7.95 -4.40 29.22
C ALA A 224 7.11 -5.66 29.29
N LEU A 225 7.38 -6.64 28.42
CA LEU A 225 6.63 -7.88 28.44
C LEU A 225 7.10 -8.79 29.55
N VAL A 226 8.41 -8.89 29.75
CA VAL A 226 8.97 -9.82 30.74
C VAL A 226 8.68 -9.33 32.15
N ASN A 227 8.75 -8.01 32.37
CA ASN A 227 8.62 -7.43 33.70
C ASN A 227 7.23 -6.85 33.98
N ASP A 228 6.32 -6.87 33.00
CA ASP A 228 4.95 -6.39 33.20
C ASP A 228 4.94 -4.90 33.54
N ALA A 229 5.80 -4.14 32.88
CA ALA A 229 6.07 -2.75 33.22
C ALA A 229 5.89 -1.86 32.01
N PRO A 230 5.74 -0.55 32.22
CA PRO A 230 5.71 0.38 31.09
C PRO A 230 7.05 0.38 30.36
N ARG A 231 7.02 0.80 29.10
CA ARG A 231 8.26 0.90 28.33
C ARG A 231 9.29 1.73 29.10
N ALA A 232 10.52 1.23 29.17
CA ALA A 232 11.57 1.93 29.89
C ALA A 232 12.37 2.89 29.02
N ALA A 233 12.03 3.02 27.75
CA ALA A 233 12.73 3.96 26.88
C ALA A 233 11.84 4.28 25.69
N THR A 234 12.15 5.41 25.05
CA THR A 234 11.56 5.80 23.79
C THR A 234 12.39 5.24 22.64
N ILE A 235 11.72 4.65 21.66
CA ILE A 235 12.39 4.05 20.50
C ILE A 235 12.09 4.93 19.29
N ILE A 236 13.14 5.46 18.66
CA ILE A 236 13.04 6.39 17.55
C ILE A 236 13.79 5.82 16.34
N LEU A 237 13.13 5.76 15.20
CA LEU A 237 13.78 5.25 13.99
C LEU A 237 14.97 6.14 13.65
N ARG A 238 16.14 5.53 13.53
CA ARG A 238 17.37 6.26 13.21
C ARG A 238 17.62 6.40 11.71
N GLU A 239 17.04 5.55 10.86
CA GLU A 239 17.27 5.57 9.42
C GLU A 239 15.95 5.59 8.65
N ASP A 240 16.02 5.96 7.39
CA ASP A 240 14.90 5.73 6.51
C ASP A 240 14.72 4.23 6.29
N ASN A 241 13.47 3.82 6.04
CA ASN A 241 13.13 2.45 5.69
C ASN A 241 13.63 1.45 6.74
N CYS A 242 13.19 1.63 7.98
CA CYS A 242 13.36 0.57 8.97
C CYS A 242 12.31 -0.51 8.77
N HIS A 243 12.72 -1.76 8.89
CA HIS A 243 11.81 -2.89 8.76
C HIS A 243 11.89 -3.74 10.01
N PHE A 244 10.76 -3.98 10.65
CA PHE A 244 10.73 -4.72 11.89
C PHE A 244 9.94 -6.01 11.71
N LEU A 245 10.38 -7.05 12.40
CA LEU A 245 9.56 -8.23 12.64
C LEU A 245 8.99 -8.08 14.05
N ARG A 246 7.67 -8.12 14.15
CA ARG A 246 6.99 -7.89 15.42
C ARG A 246 6.34 -9.16 15.92
N VAL A 247 6.47 -9.42 17.23
CA VAL A 247 5.80 -10.52 17.91
C VAL A 247 4.90 -9.93 18.99
N ASP A 248 3.58 -10.11 18.83
CA ASP A 248 2.63 -9.58 19.79
C ASP A 248 2.79 -10.25 21.16
N LYS A 249 2.32 -9.52 22.18
CA LYS A 249 2.59 -9.90 23.57
C LYS A 249 2.14 -11.32 23.88
N GLN A 250 0.90 -11.67 23.53
CA GLN A 250 0.39 -12.99 23.87
C GLN A 250 1.27 -14.08 23.27
N ASP A 251 1.52 -14.00 21.95
CA ASP A 251 2.42 -14.97 21.31
C ASP A 251 3.81 -14.93 21.94
N PHE A 252 4.33 -13.74 22.22
CA PHE A 252 5.64 -13.67 22.87
C PHE A 252 5.62 -14.39 24.20
N ASN A 253 4.58 -14.16 25.00
CA ASN A 253 4.55 -14.76 26.33
C ASN A 253 4.36 -16.26 26.24
N ARG A 254 3.49 -16.72 25.35
CA ARG A 254 3.25 -18.15 25.22
C ARG A 254 4.50 -18.87 24.70
N ILE A 255 5.22 -18.26 23.77
CA ILE A 255 6.34 -18.92 23.10
C ILE A 255 7.69 -18.66 23.78
N ILE A 256 7.81 -17.58 24.55
CA ILE A 256 9.08 -17.23 25.18
C ILE A 256 9.04 -17.36 26.71
N LYS A 257 7.87 -17.52 27.31
CA LYS A 257 7.79 -17.77 28.75
C LYS A 257 7.78 -19.26 29.09
N SER B 3 -15.69 -4.02 -2.57
CA SER B 3 -16.59 -4.06 -3.72
C SER B 3 -15.79 -4.07 -5.03
N THR B 4 -14.56 -4.56 -4.94
CA THR B 4 -13.67 -4.57 -6.10
C THR B 4 -14.27 -5.30 -7.29
N GLU B 5 -15.06 -6.35 -7.04
CA GLU B 5 -15.54 -7.18 -8.13
C GLU B 5 -16.63 -6.48 -8.94
N ARG B 6 -17.51 -5.75 -8.26
CA ARG B 6 -18.54 -5.00 -8.97
C ARG B 6 -17.95 -3.80 -9.69
N VAL B 7 -16.93 -3.17 -9.11
CA VAL B 7 -16.25 -2.06 -9.78
C VAL B 7 -15.54 -2.55 -11.03
N LEU B 8 -14.92 -3.73 -10.97
CA LEU B 8 -14.23 -4.26 -12.13
C LEU B 8 -15.20 -4.62 -13.25
N ARG B 9 -16.43 -5.01 -12.89
CA ARG B 9 -17.43 -5.27 -13.93
C ARG B 9 -17.93 -3.96 -14.54
N ALA B 10 -18.10 -2.92 -13.72
CA ALA B 10 -18.47 -1.61 -14.24
C ALA B 10 -17.45 -1.11 -15.25
N GLY B 11 -16.16 -1.21 -14.91
CA GLY B 11 -15.12 -0.73 -15.81
C GLY B 11 -15.16 -1.42 -17.15
N ARG B 12 -15.34 -2.75 -17.16
CA ARG B 12 -15.44 -3.45 -18.42
C ARG B 12 -16.66 -3.00 -19.21
N GLN B 13 -17.71 -2.59 -18.51
CA GLN B 13 -18.91 -2.07 -19.19
C GLN B 13 -18.63 -0.71 -19.80
N LEU B 14 -18.04 0.21 -19.02
CA LEU B 14 -17.57 1.47 -19.58
C LEU B 14 -16.62 1.23 -20.74
N HIS B 15 -15.70 0.27 -20.58
CA HIS B 15 -14.64 0.06 -21.56
C HIS B 15 -15.20 -0.40 -22.91
N ARG B 16 -16.22 -1.26 -22.90
CA ARG B 16 -16.77 -1.74 -24.16
C ARG B 16 -17.50 -0.63 -24.91
N HIS B 17 -18.08 0.34 -24.20
CA HIS B 17 -18.80 1.43 -24.86
C HIS B 17 -17.87 2.51 -25.37
N LEU B 18 -16.78 2.78 -24.66
CA LEU B 18 -15.75 3.68 -25.20
C LEU B 18 -15.18 3.14 -26.49
N LEU B 19 -14.98 1.82 -26.56
CA LEU B 19 -14.43 1.21 -27.79
C LEU B 19 -15.40 1.36 -28.96
N ALA B 20 -16.70 1.23 -28.70
CA ALA B 20 -17.68 1.39 -29.78
C ALA B 20 -17.87 2.86 -30.13
N THR B 21 -18.03 3.72 -29.13
CA THR B 21 -18.29 5.13 -29.37
C THR B 21 -17.05 5.88 -29.83
N CYS B 22 -15.88 5.52 -29.29
CA CYS B 22 -14.62 6.20 -29.61
C CYS B 22 -13.59 5.17 -30.10
N PRO B 23 -13.77 4.66 -31.32
CA PRO B 23 -12.86 3.61 -31.81
C PRO B 23 -11.39 4.00 -31.80
N ASN B 24 -11.07 5.28 -31.96
CA ASN B 24 -9.68 5.73 -32.00
C ASN B 24 -9.20 6.30 -30.68
N LEU B 25 -9.98 6.16 -29.61
CA LEU B 25 -9.53 6.62 -28.30
C LEU B 25 -8.27 5.87 -27.87
N ILE B 26 -8.30 4.54 -27.96
CA ILE B 26 -7.15 3.71 -27.64
C ILE B 26 -6.35 3.49 -28.92
N ARG B 27 -5.10 3.94 -28.91
CA ARG B 27 -4.29 3.91 -30.12
C ARG B 27 -2.84 4.16 -29.74
N ASP B 28 -1.93 3.78 -30.64
CA ASP B 28 -0.52 4.08 -30.46
C ASP B 28 -0.31 5.59 -30.44
N ARG B 29 0.38 6.08 -29.42
CA ARG B 29 0.54 7.51 -29.20
C ARG B 29 2.01 7.89 -29.30
N LYS B 30 2.24 9.16 -29.63
CA LYS B 30 3.57 9.73 -29.75
C LYS B 30 3.81 10.68 -28.59
N TYR B 31 5.01 10.62 -27.99
CA TYR B 31 5.32 11.47 -26.86
C TYR B 31 6.83 11.55 -26.67
N HIS B 32 7.39 12.76 -26.79
CA HIS B 32 8.81 13.00 -26.58
C HIS B 32 9.65 11.93 -27.26
N LEU B 33 9.25 11.52 -28.46
CA LEU B 33 9.93 10.49 -29.23
C LEU B 33 9.84 9.11 -28.60
N ARG B 34 9.00 8.94 -27.57
CA ARG B 34 8.66 7.64 -27.04
C ARG B 34 7.43 7.10 -27.78
N LEU B 35 7.27 5.77 -27.73
CA LEU B 35 6.12 5.10 -28.33
C LEU B 35 5.35 4.35 -27.27
N TYR B 36 4.09 4.73 -27.08
CA TYR B 36 3.16 4.03 -26.20
C TYR B 36 2.03 3.46 -27.03
N ARG B 37 1.78 2.17 -26.88
CA ARG B 37 0.82 1.46 -27.72
C ARG B 37 -0.50 1.26 -26.98
N GLN B 38 -1.60 1.37 -27.72
CA GLN B 38 -2.94 1.10 -27.22
C GLN B 38 -3.20 1.79 -25.88
N CYS B 39 -2.98 3.10 -25.84
CA CYS B 39 -3.24 3.91 -24.67
C CYS B 39 -3.98 5.17 -25.08
N CYS B 40 -4.49 5.88 -24.08
CA CYS B 40 -5.22 7.12 -24.27
C CYS B 40 -4.74 8.13 -23.24
N SER B 41 -4.94 9.41 -23.54
CA SER B 41 -4.62 10.44 -22.57
C SER B 41 -5.71 10.51 -21.50
N GLY B 42 -5.30 10.87 -20.29
CA GLY B 42 -6.29 11.04 -19.23
C GLY B 42 -7.38 12.02 -19.60
N ARG B 43 -7.01 13.08 -20.33
CA ARG B 43 -8.00 14.10 -20.67
C ARG B 43 -8.96 13.64 -21.77
N GLU B 44 -8.48 12.83 -22.73
CA GLU B 44 -9.39 12.33 -23.74
C GLU B 44 -10.27 11.21 -23.22
N LEU B 45 -9.75 10.38 -22.30
CA LEU B 45 -10.60 9.41 -21.62
C LEU B 45 -11.77 10.10 -20.93
N VAL B 46 -11.49 11.19 -20.22
CA VAL B 46 -12.54 11.92 -19.53
C VAL B 46 -13.51 12.53 -20.52
N ASP B 47 -12.98 13.12 -21.60
CA ASP B 47 -13.83 13.57 -22.70
C ASP B 47 -14.72 12.45 -23.23
N GLY B 48 -14.15 11.26 -23.40
CA GLY B 48 -14.92 10.17 -23.97
C GLY B 48 -16.07 9.72 -23.08
N ILE B 49 -15.81 9.61 -21.79
CA ILE B 49 -16.87 9.22 -20.87
C ILE B 49 -17.97 10.27 -20.85
N LEU B 50 -17.59 11.55 -20.93
CA LEU B 50 -18.58 12.63 -20.94
C LEU B 50 -19.52 12.52 -22.13
N ALA B 51 -19.02 12.06 -23.27
CA ALA B 51 -19.85 11.93 -24.46
C ALA B 51 -20.83 10.77 -24.38
N LEU B 52 -20.75 9.95 -23.34
CA LEU B 52 -21.84 9.06 -22.98
C LEU B 52 -22.87 9.83 -22.15
N GLY B 53 -23.99 9.19 -21.80
CA GLY B 53 -25.08 9.93 -21.19
C GLY B 53 -25.64 9.41 -19.88
N HIS B 57 -22.98 13.92 -15.41
CA HIS B 57 -23.44 15.29 -15.20
C HIS B 57 -22.34 16.33 -15.26
N SER B 58 -21.13 15.99 -14.85
CA SER B 58 -20.07 16.97 -14.72
C SER B 58 -18.73 16.31 -14.97
N ARG B 59 -17.75 17.14 -15.33
CA ARG B 59 -16.40 16.62 -15.54
C ARG B 59 -15.83 16.03 -14.25
N SER B 60 -16.02 16.72 -13.11
CA SER B 60 -15.43 16.22 -11.86
C SER B 60 -16.00 14.85 -11.51
N GLN B 61 -17.30 14.63 -11.77
CA GLN B 61 -17.87 13.31 -11.59
C GLN B 61 -17.12 12.28 -12.44
N VAL B 62 -16.81 12.60 -13.69
CA VAL B 62 -16.06 11.66 -14.53
C VAL B 62 -14.67 11.44 -13.95
N VAL B 63 -14.00 12.52 -13.55
CA VAL B 63 -12.66 12.39 -12.97
C VAL B 63 -12.71 11.42 -11.80
N GLY B 64 -13.68 11.60 -10.92
CA GLY B 64 -13.83 10.68 -9.80
C GLY B 64 -14.00 9.24 -10.27
N ILE B 65 -14.83 9.03 -11.29
CA ILE B 65 -15.01 7.71 -11.87
C ILE B 65 -13.65 7.11 -12.23
N CYS B 66 -12.81 7.90 -12.91
CA CYS B 66 -11.53 7.37 -13.37
C CYS B 66 -10.59 7.11 -12.22
N GLN B 67 -10.67 7.92 -11.16
CA GLN B 67 -9.89 7.61 -9.97
C GLN B 67 -10.28 6.25 -9.41
N VAL B 68 -11.58 5.96 -9.40
CA VAL B 68 -12.06 4.67 -8.90
C VAL B 68 -11.49 3.53 -9.75
N LEU B 69 -11.62 3.64 -11.07
CA LEU B 69 -11.09 2.60 -11.94
C LEU B 69 -9.59 2.43 -11.75
N LEU B 70 -8.87 3.53 -11.58
CA LEU B 70 -7.43 3.44 -11.36
C LEU B 70 -7.13 2.77 -10.02
N ASP B 71 -7.88 3.12 -8.97
CA ASP B 71 -7.63 2.55 -7.65
C ASP B 71 -7.82 1.04 -7.67
N GLU B 72 -8.80 0.55 -8.42
CA GLU B 72 -9.19 -0.84 -8.38
C GLU B 72 -8.56 -1.68 -9.49
N GLY B 73 -7.58 -1.12 -10.22
CA GLY B 73 -6.90 -1.87 -11.27
C GLY B 73 -7.64 -1.97 -12.59
N ALA B 74 -8.84 -1.41 -12.70
CA ALA B 74 -9.56 -1.42 -13.97
C ALA B 74 -8.90 -0.50 -14.99
N LEU B 75 -8.25 0.56 -14.51
CA LEU B 75 -7.44 1.45 -15.33
C LEU B 75 -6.01 1.44 -14.82
N CYS B 76 -5.05 1.72 -15.70
CA CYS B 76 -3.64 1.61 -15.36
C CYS B 76 -2.87 2.77 -15.99
N HIS B 77 -2.14 3.52 -15.16
CA HIS B 77 -1.26 4.56 -15.67
C HIS B 77 0.02 3.93 -16.20
N VAL B 78 0.49 4.44 -17.34
CA VAL B 78 1.70 3.87 -17.94
C VAL B 78 2.90 4.03 -17.01
N LYS B 79 2.86 4.98 -16.08
CA LYS B 79 3.90 5.14 -15.06
C LYS B 79 3.46 4.62 -13.69
N HIS B 80 2.32 3.93 -13.62
CA HIS B 80 1.76 3.43 -12.37
C HIS B 80 1.74 4.50 -11.28
N ASP B 81 1.53 5.76 -11.67
CA ASP B 81 1.14 6.78 -10.70
C ASP B 81 -0.25 6.45 -10.15
N TRP B 82 -0.52 6.95 -8.95
CA TRP B 82 -1.75 6.57 -8.25
C TRP B 82 -2.83 7.63 -8.28
N ALA B 83 -2.50 8.88 -8.59
CA ALA B 83 -3.48 9.95 -8.74
C ALA B 83 -3.82 10.12 -10.22
N PHE B 84 -5.09 9.94 -10.58
CA PHE B 84 -5.50 10.08 -11.98
C PHE B 84 -5.34 11.52 -12.44
N GLN B 85 -4.83 11.69 -13.66
CA GLN B 85 -4.54 13.00 -14.23
C GLN B 85 -5.49 13.30 -15.38
N ASP B 86 -6.29 14.36 -15.24
CA ASP B 86 -7.11 14.85 -16.34
C ASP B 86 -6.25 15.75 -17.25
N ARG B 87 -5.28 15.10 -17.90
CA ARG B 87 -4.22 15.82 -18.59
C ARG B 87 -3.94 15.14 -19.93
N ASP B 88 -3.41 15.94 -20.85
CA ASP B 88 -3.00 15.40 -22.15
C ASP B 88 -1.71 14.61 -22.04
N ALA B 89 -0.79 15.01 -21.16
CA ALA B 89 0.51 14.36 -21.07
C ALA B 89 0.45 12.99 -20.42
N GLN B 90 -0.59 12.70 -19.64
CA GLN B 90 -0.68 11.45 -18.90
C GLN B 90 -1.45 10.40 -19.69
N PHE B 91 -0.89 9.20 -19.79
CA PHE B 91 -1.44 8.12 -20.59
C PHE B 91 -1.89 6.95 -19.70
N TYR B 92 -2.94 6.26 -20.16
CA TYR B 92 -3.54 5.16 -19.41
C TYR B 92 -3.93 4.05 -20.36
N ARG B 93 -4.08 2.85 -19.80
CA ARG B 93 -4.56 1.69 -20.55
C ARG B 93 -5.60 0.96 -19.70
N PHE B 94 -6.44 0.19 -20.40
CA PHE B 94 -7.29 -0.80 -19.77
C PHE B 94 -6.57 -2.14 -19.80
N PRO B 95 -5.99 -2.56 -18.67
CA PRO B 95 -5.46 -3.91 -18.60
C PRO B 95 -6.60 -4.90 -18.38
N GLY B 96 -6.29 -6.17 -18.61
CA GLY B 96 -7.28 -7.19 -18.42
C GLY B 96 -8.00 -7.51 -19.70
N PRO B 97 -8.82 -8.56 -19.68
CA PRO B 97 -9.41 -9.08 -20.91
C PRO B 97 -10.14 -7.99 -21.68
N GLU B 98 -9.95 -7.99 -22.99
CA GLU B 98 -10.69 -7.07 -23.85
C GLU B 98 -12.17 -7.45 -23.82
N PRO B 99 -13.06 -6.48 -23.66
CA PRO B 99 -14.50 -6.80 -23.69
C PRO B 99 -15.01 -6.93 -25.12
N GLU B 100 -16.13 -7.62 -25.24
CA GLU B 100 -16.77 -7.77 -26.53
C GLU B 100 -17.31 -6.43 -27.02
N PRO B 101 -17.34 -6.22 -28.33
CA PRO B 101 -17.91 -4.98 -28.85
C PRO B 101 -19.42 -4.97 -28.69
N VAL B 102 -19.96 -3.76 -28.52
CA VAL B 102 -21.41 -3.61 -28.34
C VAL B 102 -22.07 -3.16 -29.65
N GLU B 106 -26.64 -2.57 -27.97
CA GLU B 106 -27.17 -1.51 -27.08
C GLU B 106 -27.40 -2.04 -25.67
N MET B 107 -26.37 -2.01 -24.85
CA MET B 107 -26.50 -2.40 -23.44
C MET B 107 -26.65 -1.14 -22.59
N GLU B 108 -27.79 -0.48 -22.77
CA GLU B 108 -28.01 0.82 -22.14
C GLU B 108 -28.19 0.68 -20.63
N GLU B 109 -29.05 -0.23 -20.19
CA GLU B 109 -29.29 -0.36 -18.76
C GLU B 109 -28.03 -0.83 -18.04
N GLU B 110 -27.22 -1.68 -18.68
CA GLU B 110 -25.97 -2.09 -18.07
C GLU B 110 -25.03 -0.91 -17.89
N LEU B 111 -24.91 -0.06 -18.91
CA LEU B 111 -24.03 1.10 -18.83
C LEU B 111 -24.46 2.04 -17.71
N ALA B 112 -25.72 2.47 -17.74
CA ALA B 112 -26.24 3.35 -16.71
C ALA B 112 -25.96 2.80 -15.31
N GLU B 113 -26.18 1.50 -15.12
CA GLU B 113 -25.89 0.90 -13.81
C GLU B 113 -24.41 1.00 -13.46
N ALA B 114 -23.53 0.92 -14.47
CA ALA B 114 -22.10 0.99 -14.19
C ALA B 114 -21.68 2.42 -13.88
N VAL B 115 -22.20 3.40 -14.62
CA VAL B 115 -21.87 4.80 -14.35
C VAL B 115 -22.28 5.18 -12.94
N ALA B 116 -23.42 4.68 -12.47
CA ALA B 116 -23.91 5.03 -11.15
C ALA B 116 -23.05 4.39 -10.06
N LEU B 117 -22.74 3.10 -10.21
CA LEU B 117 -21.86 2.43 -9.25
C LEU B 117 -20.54 3.18 -9.11
N LEU B 118 -19.90 3.49 -10.24
CA LEU B 118 -18.61 4.15 -10.19
C LEU B 118 -18.75 5.58 -9.69
N SER B 119 -19.83 6.26 -10.10
CA SER B 119 -20.07 7.62 -9.59
C SER B 119 -20.25 7.61 -8.07
N GLN B 120 -20.97 6.63 -7.54
CA GLN B 120 -21.18 6.55 -6.10
C GLN B 120 -19.87 6.67 -5.34
N ARG B 121 -18.82 6.01 -5.84
CA ARG B 121 -17.55 5.95 -5.13
C ARG B 121 -16.58 7.05 -5.52
N GLY B 122 -16.83 7.75 -6.63
CA GLY B 122 -15.94 8.78 -7.12
C GLY B 122 -15.54 9.84 -6.10
N PRO B 123 -16.51 10.46 -5.44
CA PRO B 123 -16.18 11.54 -4.49
C PRO B 123 -15.21 11.13 -3.39
N ASP B 124 -15.36 9.93 -2.82
CA ASP B 124 -14.42 9.47 -1.80
C ASP B 124 -13.06 9.15 -2.40
N ALA B 125 -13.02 8.61 -3.63
CA ALA B 125 -11.73 8.36 -4.25
C ALA B 125 -10.97 9.66 -4.42
N LEU B 126 -11.67 10.73 -4.78
CA LEU B 126 -11.01 12.02 -4.99
C LEU B 126 -10.57 12.64 -3.67
N LEU B 127 -11.40 12.51 -2.62
CA LEU B 127 -10.97 12.97 -1.30
C LEU B 127 -9.77 12.18 -0.81
N THR B 128 -9.74 10.87 -1.08
CA THR B 128 -8.61 10.05 -0.67
C THR B 128 -7.31 10.57 -1.28
N VAL B 129 -7.30 10.80 -2.60
CA VAL B 129 -6.12 11.37 -3.26
C VAL B 129 -5.67 12.64 -2.55
N ALA B 130 -6.62 13.49 -2.17
CA ALA B 130 -6.28 14.74 -1.51
C ALA B 130 -5.63 14.49 -0.15
N LEU B 131 -6.17 13.53 0.61
CA LEU B 131 -5.61 13.26 1.93
C LEU B 131 -4.25 12.59 1.84
N ARG B 132 -4.04 11.78 0.80
CA ARG B 132 -2.76 11.10 0.67
C ARG B 132 -1.64 12.07 0.28
N LYS B 133 -1.97 13.28 -0.10
CA LYS B 133 -0.93 14.28 -0.35
C LYS B 133 -0.42 14.81 0.98
N PRO B 134 0.89 14.81 1.20
CA PRO B 134 1.42 15.28 2.48
C PRO B 134 0.99 16.71 2.73
N PRO B 135 0.74 17.07 4.00
CA PRO B 135 0.51 18.48 4.33
C PRO B 135 1.61 19.36 3.75
N GLY B 136 1.24 20.57 3.35
CA GLY B 136 2.17 21.47 2.70
C GLY B 136 2.40 21.20 1.23
N GLN B 137 1.88 20.09 0.70
CA GLN B 137 1.95 19.76 -0.71
C GLN B 137 0.55 19.41 -1.22
N ARG B 138 -0.36 20.37 -1.09
CA ARG B 138 -1.76 20.20 -1.45
C ARG B 138 -2.21 21.39 -2.26
N THR B 139 -2.76 21.13 -3.44
CA THR B 139 -3.33 22.20 -4.23
C THR B 139 -4.49 22.84 -3.47
N ASP B 140 -4.81 24.09 -3.84
CA ASP B 140 -5.99 24.73 -3.29
C ASP B 140 -7.25 23.93 -3.59
N GLU B 141 -7.25 23.16 -4.69
CA GLU B 141 -8.38 22.29 -5.00
C GLU B 141 -8.47 21.14 -4.01
N GLU B 142 -7.33 20.49 -3.74
CA GLU B 142 -7.32 19.40 -2.77
C GLU B 142 -7.69 19.89 -1.39
N LEU B 143 -7.28 21.11 -1.04
CA LEU B 143 -7.65 21.67 0.26
C LEU B 143 -9.15 21.98 0.31
N ASP B 144 -9.72 22.44 -0.82
CA ASP B 144 -11.16 22.63 -0.89
C ASP B 144 -11.90 21.32 -0.62
N LEU B 145 -11.45 20.22 -1.24
CA LEU B 145 -12.09 18.93 -1.01
C LEU B 145 -12.03 18.54 0.46
N ILE B 146 -10.85 18.63 1.06
CA ILE B 146 -10.71 18.29 2.48
C ILE B 146 -11.60 19.20 3.32
N PHE B 147 -11.64 20.49 2.99
CA PHE B 147 -12.49 21.40 3.73
C PHE B 147 -13.96 20.99 3.61
N GLU B 148 -14.38 20.57 2.42
CA GLU B 148 -15.79 20.20 2.23
C GLU B 148 -16.16 19.00 3.09
N GLU B 149 -15.28 17.99 3.15
CA GLU B 149 -15.55 16.85 4.02
C GLU B 149 -15.70 17.28 5.48
N LEU B 150 -14.86 18.21 5.95
CA LEU B 150 -14.97 18.66 7.33
C LEU B 150 -16.30 19.34 7.61
N LEU B 151 -17.02 19.77 6.56
CA LEU B 151 -18.33 20.33 6.83
C LEU B 151 -19.37 19.26 7.18
N HIS B 152 -19.04 17.99 7.00
CA HIS B 152 -19.93 16.88 7.30
C HIS B 152 -19.50 16.10 8.53
N ILE B 153 -18.54 16.62 9.29
CA ILE B 153 -17.98 15.92 10.44
C ILE B 153 -18.55 16.58 11.68
N LYS B 154 -19.50 15.91 12.33
CA LYS B 154 -20.14 16.47 13.53
C LYS B 154 -19.12 16.99 14.53
N ALA B 155 -17.96 16.35 14.62
CA ALA B 155 -17.01 16.66 15.67
C ALA B 155 -16.42 18.06 15.55
N VAL B 156 -16.46 18.67 14.36
CA VAL B 156 -15.90 20.00 14.15
C VAL B 156 -16.96 20.99 13.69
N ALA B 157 -18.24 20.61 13.72
CA ALA B 157 -19.28 21.51 13.26
C ALA B 157 -19.37 22.79 14.06
N HIS B 158 -18.74 22.84 15.24
CA HIS B 158 -18.77 24.03 16.08
C HIS B 158 -17.61 24.97 15.79
N LEU B 159 -16.59 24.52 15.07
CA LEU B 159 -15.46 25.39 14.76
C LEU B 159 -15.78 26.25 13.54
N SER B 160 -15.07 27.38 13.44
CA SER B 160 -15.28 28.30 12.32
C SER B 160 -14.69 27.73 11.03
N ASN B 161 -15.17 28.27 9.90
CA ASN B 161 -14.69 27.80 8.61
C ASN B 161 -13.21 28.09 8.41
N SER B 162 -12.72 29.21 8.92
CA SER B 162 -11.28 29.49 8.83
C SER B 162 -10.48 28.47 9.63
N VAL B 163 -11.01 28.06 10.79
CA VAL B 163 -10.36 27.02 11.58
C VAL B 163 -10.38 25.68 10.83
N LYS B 164 -11.57 25.29 10.34
CA LYS B 164 -11.65 24.08 9.53
C LYS B 164 -10.64 24.13 8.38
N ARG B 165 -10.45 25.31 7.79
CA ARG B 165 -9.43 25.46 6.77
C ARG B 165 -8.05 25.09 7.31
N GLU B 166 -7.69 25.66 8.46
CA GLU B 166 -6.39 25.35 9.07
C GLU B 166 -6.23 23.85 9.28
N LEU B 167 -7.25 23.19 9.83
CA LEU B 167 -7.19 21.73 10.00
C LEU B 167 -7.01 21.03 8.66
N ALA B 168 -7.75 21.46 7.64
CA ALA B 168 -7.62 20.85 6.32
C ALA B 168 -6.17 20.81 5.90
N ALA B 169 -5.42 21.88 6.19
CA ALA B 169 -4.04 21.95 5.74
C ALA B 169 -3.12 20.97 6.47
N VAL B 170 -3.52 20.47 7.64
CA VAL B 170 -2.66 19.57 8.40
C VAL B 170 -3.27 18.19 8.62
N LEU B 171 -4.54 17.96 8.28
CA LEU B 171 -5.11 16.62 8.41
C LEU B 171 -4.21 15.57 7.79
N LEU B 172 -4.03 14.46 8.49
CA LEU B 172 -3.35 13.29 7.97
C LEU B 172 -4.32 12.13 7.86
N PHE B 173 -4.16 11.33 6.81
CA PHE B 173 -5.00 10.18 6.55
C PHE B 173 -4.33 8.96 7.16
N GLU B 174 -5.10 8.18 7.93
CA GLU B 174 -4.54 7.03 8.64
C GLU B 174 -5.54 5.89 8.55
N PRO B 175 -5.33 4.97 7.61
CA PRO B 175 -6.23 3.82 7.50
C PRO B 175 -5.77 2.64 8.35
N HIS B 176 -6.75 1.86 8.77
CA HIS B 176 -6.53 0.59 9.43
C HIS B 176 -7.47 -0.43 8.79
N SER B 177 -7.01 -1.68 8.76
CA SER B 177 -7.74 -2.71 8.05
C SER B 177 -8.51 -3.67 8.95
N LYS B 178 -7.98 -3.97 10.14
CA LYS B 178 -8.41 -5.14 10.91
C LYS B 178 -9.13 -4.72 12.18
N ALA B 179 -10.35 -5.22 12.38
CA ALA B 179 -11.08 -4.97 13.61
C ALA B 179 -10.36 -5.57 14.82
N GLY B 180 -10.62 -4.99 15.99
CA GLY B 180 -9.99 -5.43 17.22
C GLY B 180 -8.61 -4.89 17.44
N THR B 181 -8.07 -4.11 16.50
CA THR B 181 -6.77 -3.47 16.68
C THR B 181 -6.82 -2.40 17.78
N VAL B 182 -5.91 -2.53 18.75
CA VAL B 182 -5.78 -1.51 19.79
C VAL B 182 -5.04 -0.31 19.20
N LEU B 183 -5.74 0.81 19.03
CA LEU B 183 -5.13 1.97 18.42
C LEU B 183 -4.14 2.65 19.38
N PHE B 184 -4.51 2.79 20.65
CA PHE B 184 -3.58 3.18 21.70
C PHE B 184 -4.21 2.83 23.04
N SER B 185 -3.37 2.76 24.08
CA SER B 185 -3.77 2.23 25.38
C SER B 185 -3.80 3.31 26.44
N GLN B 186 -4.75 3.17 27.37
CA GLN B 186 -4.84 4.06 28.53
C GLN B 186 -3.48 4.13 29.25
N GLY B 187 -3.09 5.35 29.61
CA GLY B 187 -1.75 5.57 30.17
C GLY B 187 -0.66 5.95 29.17
N ASP B 188 -0.87 5.79 27.87
CA ASP B 188 0.15 6.06 26.87
C ASP B 188 0.36 7.56 26.72
N LYS B 189 1.55 7.92 26.23
CA LYS B 189 1.76 9.29 25.82
C LYS B 189 0.85 9.62 24.65
N GLY B 190 0.21 10.78 24.71
CA GLY B 190 -0.81 11.15 23.76
C GLY B 190 -0.21 12.05 22.69
N THR B 191 -0.35 11.64 21.45
CA THR B 191 0.42 12.20 20.36
C THR B 191 -0.45 12.80 19.25
N SER B 192 -1.74 12.51 19.21
CA SER B 192 -2.54 12.91 18.06
C SER B 192 -4.00 13.00 18.46
N TRP B 193 -4.74 13.81 17.69
CA TRP B 193 -6.20 13.92 17.76
C TRP B 193 -6.82 13.24 16.55
N TYR B 194 -7.90 12.49 16.80
CA TYR B 194 -8.46 11.58 15.80
C TYR B 194 -9.89 11.96 15.47
N ILE B 195 -10.18 12.01 14.17
CA ILE B 195 -11.55 12.10 13.65
C ILE B 195 -11.84 10.79 12.94
N ILE B 196 -13.04 10.26 13.14
CA ILE B 196 -13.43 9.00 12.51
C ILE B 196 -14.08 9.32 11.17
N TRP B 197 -13.41 8.95 10.08
CA TRP B 197 -14.00 9.08 8.75
C TRP B 197 -14.82 7.85 8.40
N LYS B 198 -14.25 6.66 8.60
CA LYS B 198 -14.94 5.41 8.34
C LYS B 198 -14.71 4.47 9.52
N GLY B 199 -15.75 3.75 9.92
CA GLY B 199 -15.63 2.76 10.97
C GLY B 199 -16.15 3.24 12.30
N SER B 200 -15.74 2.56 13.36
CA SER B 200 -16.19 2.87 14.71
C SER B 200 -15.22 2.23 15.69
N VAL B 201 -15.24 2.70 16.93
CA VAL B 201 -14.27 2.28 17.94
C VAL B 201 -14.94 2.08 19.29
N ASN B 202 -14.35 1.20 20.09
CA ASN B 202 -14.67 1.05 21.50
C ASN B 202 -13.78 1.94 22.35
N VAL B 203 -14.36 2.57 23.36
CA VAL B 203 -13.64 3.38 24.36
C VAL B 203 -13.71 2.63 25.69
N VAL B 204 -12.57 2.14 26.15
CA VAL B 204 -12.50 1.26 27.30
C VAL B 204 -11.59 1.90 28.35
N THR B 205 -12.07 1.98 29.59
CA THR B 205 -11.22 2.40 30.71
C THR B 205 -11.01 1.26 31.69
N HIS B 206 -9.84 1.25 32.33
CA HIS B 206 -9.62 0.34 33.44
C HIS B 206 -10.71 0.45 34.49
N GLY B 207 -11.25 1.65 34.71
CA GLY B 207 -12.16 1.83 35.82
C GLY B 207 -13.58 1.39 35.57
N LYS B 208 -14.04 1.44 34.31
CA LYS B 208 -15.42 1.16 33.99
C LYS B 208 -15.62 0.16 32.86
N GLY B 209 -14.56 -0.33 32.26
CA GLY B 209 -14.74 -1.18 31.10
C GLY B 209 -15.15 -0.36 29.90
N LEU B 210 -16.18 -0.81 29.18
CA LEU B 210 -16.59 -0.15 27.94
C LEU B 210 -17.44 1.06 28.30
N VAL B 211 -17.01 2.24 27.89
CA VAL B 211 -17.61 3.47 28.37
C VAL B 211 -18.46 4.08 27.27
N THR B 212 -18.08 3.83 26.01
CA THR B 212 -18.86 4.36 24.89
C THR B 212 -18.29 3.82 23.59
N THR B 213 -19.09 3.86 22.53
CA THR B 213 -18.63 3.58 21.17
C THR B 213 -18.77 4.84 20.33
N LEU B 214 -17.76 5.13 19.54
CA LEU B 214 -17.76 6.28 18.67
C LEU B 214 -17.87 5.82 17.21
N HIS B 215 -18.55 6.62 16.38
CA HIS B 215 -18.86 6.25 15.01
C HIS B 215 -18.41 7.36 14.07
N GLU B 216 -18.67 7.16 12.77
CA GLU B 216 -18.28 8.11 11.74
C GLU B 216 -18.73 9.52 12.08
N GLY B 217 -17.80 10.47 11.94
CA GLY B 217 -18.05 11.83 12.37
C GLY B 217 -17.71 12.14 13.81
N ASP B 218 -17.39 11.15 14.64
CA ASP B 218 -16.97 11.41 16.00
C ASP B 218 -15.45 11.60 16.08
N ASP B 219 -15.00 12.11 17.21
CA ASP B 219 -13.57 12.34 17.42
C ASP B 219 -13.17 11.82 18.79
N PHE B 220 -11.87 11.59 18.96
CA PHE B 220 -11.31 11.18 20.24
C PHE B 220 -9.82 11.51 20.26
N GLY B 221 -9.24 11.45 21.45
CA GLY B 221 -7.83 11.74 21.66
C GLY B 221 -7.48 13.18 21.97
N GLN B 222 -8.46 14.04 22.24
CA GLN B 222 -8.18 15.44 22.52
C GLN B 222 -7.74 15.65 23.96
N LEU B 223 -8.25 14.84 24.89
CA LEU B 223 -7.99 15.12 26.30
C LEU B 223 -6.51 15.10 26.59
N ALA B 224 -5.77 14.14 26.01
CA ALA B 224 -4.35 14.04 26.32
C ALA B 224 -3.60 15.26 25.82
N LEU B 225 -4.06 15.86 24.72
CA LEU B 225 -3.36 17.02 24.16
C LEU B 225 -3.74 18.31 24.87
N VAL B 226 -5.02 18.50 25.17
CA VAL B 226 -5.42 19.76 25.82
C VAL B 226 -5.05 19.75 27.30
N ASN B 227 -5.04 18.59 27.95
CA ASN B 227 -4.67 18.50 29.36
C ASN B 227 -3.19 18.19 29.56
N ASP B 228 -2.49 17.75 28.52
CA ASP B 228 -1.08 17.40 28.62
C ASP B 228 -0.87 16.23 29.58
N ALA B 229 -1.66 15.18 29.41
CA ALA B 229 -1.71 14.03 30.30
C ALA B 229 -1.71 12.74 29.51
N PRO B 230 -1.51 11.61 30.18
CA PRO B 230 -1.58 10.33 29.49
C PRO B 230 -2.99 10.06 28.99
N ARG B 231 -3.10 9.16 28.01
CA ARG B 231 -4.42 8.77 27.50
C ARG B 231 -5.27 8.25 28.65
N ALA B 232 -6.50 8.77 28.74
CA ALA B 232 -7.45 8.34 29.75
C ALA B 232 -8.27 7.12 29.34
N ALA B 233 -8.03 6.53 28.16
CA ALA B 233 -8.79 5.37 27.74
C ALA B 233 -8.04 4.65 26.63
N THR B 234 -8.38 3.37 26.49
CA THR B 234 -7.96 2.53 25.38
C THR B 234 -9.00 2.62 24.26
N ILE B 235 -8.51 2.76 23.02
CA ILE B 235 -9.35 2.81 21.83
C ILE B 235 -9.15 1.54 21.01
N ILE B 236 -10.25 0.84 20.71
CA ILE B 236 -10.20 -0.45 20.01
C ILE B 236 -11.12 -0.40 18.78
N LEU B 237 -10.58 -0.76 17.61
CA LEU B 237 -11.39 -0.76 16.39
C LEU B 237 -12.51 -1.80 16.49
N ARG B 238 -13.71 -1.41 16.08
CA ARG B 238 -14.83 -2.34 16.02
C ARG B 238 -15.05 -2.94 14.62
N GLU B 239 -14.41 -2.42 13.58
CA GLU B 239 -14.71 -2.84 12.21
C GLU B 239 -13.42 -2.94 11.38
N ASP B 240 -13.49 -3.73 10.32
CA ASP B 240 -12.46 -3.72 9.30
C ASP B 240 -12.47 -2.38 8.57
N ASN B 241 -11.29 -1.96 8.12
CA ASN B 241 -11.15 -0.79 7.25
C ASN B 241 -11.67 0.50 7.89
N CYS B 242 -11.28 0.73 9.15
CA CYS B 242 -11.51 2.03 9.75
C CYS B 242 -10.57 3.06 9.14
N HIS B 243 -11.06 4.29 8.97
CA HIS B 243 -10.26 5.37 8.40
C HIS B 243 -10.37 6.58 9.32
N PHE B 244 -9.24 7.04 9.83
CA PHE B 244 -9.21 8.18 10.71
C PHE B 244 -8.53 9.37 10.01
N LEU B 245 -8.97 10.56 10.38
CA LEU B 245 -8.23 11.78 10.07
C LEU B 245 -7.49 12.21 11.33
N ARG B 246 -6.18 12.41 11.22
CA ARG B 246 -5.32 12.65 12.38
C ARG B 246 -4.71 14.05 12.35
N VAL B 247 -4.73 14.72 13.50
CA VAL B 247 -4.03 15.98 13.70
C VAL B 247 -3.00 15.75 14.78
N ASP B 248 -1.72 15.93 14.43
CA ASP B 248 -0.66 15.66 15.39
C ASP B 248 -0.57 16.76 16.44
N LYS B 249 0.18 16.46 17.50
CA LYS B 249 0.12 17.28 18.71
C LYS B 249 0.46 18.74 18.43
N GLN B 250 1.59 18.98 17.76
CA GLN B 250 2.04 20.35 17.53
C GLN B 250 0.99 21.15 16.76
N ASP B 251 0.48 20.60 15.65
CA ASP B 251 -0.55 21.29 14.90
C ASP B 251 -1.82 21.47 15.73
N PHE B 252 -2.25 20.42 16.43
CA PHE B 252 -3.47 20.55 17.22
C PHE B 252 -3.37 21.71 18.20
N ASN B 253 -2.21 21.85 18.86
CA ASN B 253 -2.04 22.89 19.87
C ASN B 253 -1.96 24.27 19.24
N ARG B 254 -1.40 24.38 18.03
CA ARG B 254 -1.29 25.68 17.38
C ARG B 254 -2.62 26.19 16.86
N ILE B 255 -3.56 25.29 16.55
CA ILE B 255 -4.80 25.66 15.92
C ILE B 255 -5.99 25.77 16.88
N ILE B 256 -6.00 25.01 17.99
CA ILE B 256 -7.15 24.89 18.86
C ILE B 256 -6.71 25.37 20.23
#